data_7WFC
#
_entry.id   7WFC
#
_cell.length_a   71.342
_cell.length_b   73.659
_cell.length_c   96.756
_cell.angle_alpha   90.000
_cell.angle_beta   90.000
_cell.angle_gamma   90.000
#
_symmetry.space_group_name_H-M   'P 21 21 21'
#
loop_
_entity.id
_entity.type
_entity.pdbx_description
1 polymer 'Papain-like protease'
2 polymer '60S ribosomal protein L40'
3 non-polymer 'ZINC ION'
4 non-polymer 1,2-ETHANEDIOL
5 water water
#
loop_
_entity_poly.entity_id
_entity_poly.type
_entity_poly.pdbx_seq_one_letter_code
_entity_poly.pdbx_strand_id
1 'polypeptide(L)'
;KIDVLLTVDGVNFKSISLTVGEVFGKILGNVFCDGIDVTKLKCSDFYADKILYQYENLSLADISAVQSSFGFDQQQLLAY
YNFLTVCKWSVVVNGPFFSFEQSHNNSYVNVACLMLQHINLKFNKWQWQEAWYEFRAGRPHRLVALVLAKGHFKFDEPSD
ATDFIRVVLKQADLSGAICELELICDCGIKQESRVGVDAVMHFGTLAKTDLFNGYKIGCNCAGRIVHCTKLNVPFLICSN
TPLSKDLPDDVVAANMFMGVGVGHYTHLKCGSPYQHYDACSVKKYTGVSGCLTDCLYLKNLTQTFTSML
;
A
2 'polypeptide(L)'
;GAMDPMQIFVKTLTGKTITLEVEPSDTIENVKAKIQDKEGIPPDQQRLIFAGKQLEDGRTLSDYNIQKESTLHLVLRLRG
G
;
B
#
loop_
_chem_comp.id
_chem_comp.type
_chem_comp.name
_chem_comp.formula
EDO non-polymer 1,2-ETHANEDIOL 'C2 H6 O2'
ZN non-polymer 'ZINC ION' 'Zn 2'
#
# COMPACT_ATOMS: atom_id res chain seq x y z
N LYS A 1 -40.03 -14.42 -14.47
CA LYS A 1 -39.03 -13.53 -15.06
C LYS A 1 -38.38 -12.60 -14.02
N ILE A 2 -37.06 -12.74 -13.86
CA ILE A 2 -36.29 -12.02 -12.85
C ILE A 2 -35.46 -10.94 -13.52
N ASP A 3 -35.56 -9.72 -13.00
CA ASP A 3 -34.86 -8.58 -13.55
C ASP A 3 -33.53 -8.36 -12.85
N VAL A 4 -32.47 -8.17 -13.64
CA VAL A 4 -31.13 -7.97 -13.11
C VAL A 4 -30.41 -6.90 -13.92
N LEU A 5 -29.36 -6.36 -13.32
CA LEU A 5 -28.50 -5.38 -13.96
C LEU A 5 -27.17 -6.04 -14.28
N LEU A 6 -26.73 -5.89 -15.52
CA LEU A 6 -25.49 -6.44 -16.01
C LEU A 6 -24.48 -5.31 -16.16
N THR A 7 -23.22 -5.57 -15.82
CA THR A 7 -22.23 -4.50 -15.85
C THR A 7 -20.84 -5.12 -15.88
N VAL A 8 -19.85 -4.34 -16.31
CA VAL A 8 -18.47 -4.67 -16.03
C VAL A 8 -17.85 -3.70 -15.03
N ASP A 9 -18.28 -2.43 -15.02
CA ASP A 9 -17.59 -1.38 -14.31
C ASP A 9 -18.30 -0.91 -13.06
N GLY A 10 -19.53 -1.38 -12.83
CA GLY A 10 -20.35 -0.86 -11.76
C GLY A 10 -20.90 0.53 -11.99
N VAL A 11 -20.82 1.06 -13.21
CA VAL A 11 -21.29 2.42 -13.48
C VAL A 11 -22.29 2.38 -14.63
N ASN A 12 -21.93 1.67 -15.69
CA ASN A 12 -22.76 1.51 -16.86
C ASN A 12 -23.48 0.19 -16.77
N PHE A 13 -24.81 0.24 -16.74
CA PHE A 13 -25.61 -0.95 -16.54
C PHE A 13 -26.44 -1.25 -17.77
N LYS A 14 -26.79 -2.52 -17.93
CA LYS A 14 -27.75 -2.98 -18.91
C LYS A 14 -28.81 -3.76 -18.16
N SER A 15 -30.08 -3.54 -18.51
CA SER A 15 -31.19 -4.30 -17.92
C SER A 15 -31.45 -5.54 -18.77
N ILE A 16 -31.43 -6.70 -18.13
CA ILE A 16 -31.80 -7.95 -18.79
C ILE A 16 -32.75 -8.70 -17.88
N SER A 17 -33.70 -9.40 -18.48
CA SER A 17 -34.56 -10.29 -17.74
C SER A 17 -34.11 -11.72 -17.93
N LEU A 18 -34.20 -12.50 -16.86
CA LEU A 18 -33.80 -13.89 -16.86
C LEU A 18 -35.00 -14.74 -16.46
N THR A 19 -34.94 -16.00 -16.84
CA THR A 19 -36.01 -16.94 -16.53
C THR A 19 -35.60 -17.75 -15.32
N VAL A 20 -36.50 -17.82 -14.34
CA VAL A 20 -36.22 -18.49 -13.08
C VAL A 20 -35.62 -19.87 -13.35
N GLY A 21 -34.55 -20.19 -12.64
CA GLY A 21 -33.93 -21.48 -12.79
C GLY A 21 -32.89 -21.59 -13.88
N GLU A 22 -32.78 -20.60 -14.76
CA GLU A 22 -31.65 -20.59 -15.68
C GLU A 22 -30.34 -20.49 -14.91
N VAL A 23 -29.34 -21.27 -15.34
CA VAL A 23 -28.01 -21.15 -14.75
C VAL A 23 -27.34 -19.91 -15.32
N PHE A 24 -26.84 -19.05 -14.42
CA PHE A 24 -26.31 -17.76 -14.85
C PHE A 24 -25.23 -17.92 -15.92
N GLY A 25 -24.33 -18.88 -15.72
CA GLY A 25 -23.19 -19.01 -16.60
C GLY A 25 -23.58 -19.43 -18.00
N LYS A 26 -24.62 -20.27 -18.12
CA LYS A 26 -25.06 -20.69 -19.45
C LYS A 26 -25.60 -19.51 -20.25
N ILE A 27 -26.18 -18.53 -19.56
CA ILE A 27 -26.72 -17.35 -20.23
C ILE A 27 -25.67 -16.25 -20.38
N LEU A 28 -24.85 -16.00 -19.35
CA LEU A 28 -24.05 -14.77 -19.30
C LEU A 28 -22.55 -15.00 -19.20
N GLY A 29 -22.08 -16.23 -19.07
CA GLY A 29 -20.68 -16.42 -18.86
C GLY A 29 -20.31 -16.34 -17.40
N ASN A 30 -19.04 -16.08 -17.16
CA ASN A 30 -18.52 -15.98 -15.80
C ASN A 30 -19.00 -14.67 -15.17
N VAL A 31 -19.76 -14.79 -14.08
CA VAL A 31 -20.37 -13.61 -13.48
C VAL A 31 -20.29 -13.70 -11.97
N PHE A 32 -20.15 -12.53 -11.36
CA PHE A 32 -20.14 -12.36 -9.92
C PHE A 32 -21.31 -11.50 -9.50
N CYS A 33 -21.83 -11.81 -8.31
CA CYS A 33 -22.87 -11.01 -7.68
C CYS A 33 -22.48 -10.81 -6.23
N ASP A 34 -22.49 -9.55 -5.80
CA ASP A 34 -22.12 -9.16 -4.46
C ASP A 34 -20.89 -9.96 -3.98
N GLY A 35 -19.86 -9.96 -4.82
CA GLY A 35 -18.60 -10.58 -4.49
C GLY A 35 -18.54 -12.08 -4.64
N ILE A 36 -19.63 -12.74 -4.99
CA ILE A 36 -19.68 -14.21 -5.04
C ILE A 36 -19.77 -14.65 -6.50
N ASP A 37 -18.93 -15.61 -6.87
CA ASP A 37 -19.03 -16.22 -8.19
C ASP A 37 -20.37 -16.96 -8.29
N VAL A 38 -21.31 -16.44 -9.08
CA VAL A 38 -22.61 -17.07 -9.21
C VAL A 38 -22.75 -17.80 -10.54
N THR A 39 -21.65 -17.99 -11.27
CA THR A 39 -21.72 -18.57 -12.60
C THR A 39 -22.52 -19.87 -12.63
N LYS A 40 -22.37 -20.71 -11.62
CA LYS A 40 -23.01 -22.01 -11.63
C LYS A 40 -24.34 -22.03 -10.88
N LEU A 41 -24.74 -20.92 -10.27
CA LEU A 41 -26.01 -20.91 -9.56
C LEU A 41 -27.17 -20.64 -10.53
N LYS A 42 -28.38 -20.86 -10.02
CA LYS A 42 -29.58 -20.65 -10.81
C LYS A 42 -30.26 -19.34 -10.40
N CYS A 43 -30.94 -18.74 -11.36
CA CYS A 43 -31.57 -17.45 -11.17
C CYS A 43 -32.80 -17.59 -10.26
N SER A 44 -32.78 -16.90 -9.12
CA SER A 44 -33.82 -17.01 -8.10
C SER A 44 -34.56 -15.68 -7.99
N ASP A 45 -35.60 -15.68 -7.17
CA ASP A 45 -36.12 -14.44 -6.59
C ASP A 45 -35.00 -13.62 -5.97
N PHE A 46 -34.12 -14.29 -5.22
CA PHE A 46 -33.05 -13.64 -4.45
C PHE A 46 -32.26 -12.62 -5.26
N TYR A 47 -32.10 -12.86 -6.55
CA TYR A 47 -31.27 -12.02 -7.40
C TYR A 47 -32.04 -10.88 -8.03
N ALA A 48 -33.32 -10.77 -7.74
CA ALA A 48 -34.13 -9.71 -8.33
C ALA A 48 -33.52 -8.34 -8.02
N ASP A 49 -33.35 -7.53 -9.07
CA ASP A 49 -32.86 -6.15 -9.03
C ASP A 49 -31.43 -6.04 -8.49
N LYS A 50 -30.70 -7.15 -8.48
CA LYS A 50 -29.30 -7.20 -8.13
C LYS A 50 -28.40 -6.94 -9.35
N ILE A 51 -27.09 -6.84 -9.10
CA ILE A 51 -26.14 -6.46 -10.13
C ILE A 51 -25.17 -7.61 -10.38
N LEU A 52 -24.94 -7.93 -11.65
CA LEU A 52 -24.09 -9.05 -12.04
C LEU A 52 -22.91 -8.50 -12.83
N TYR A 53 -21.71 -8.88 -12.40
CA TYR A 53 -20.48 -8.40 -13.00
C TYR A 53 -19.95 -9.45 -13.97
N GLN A 54 -19.78 -9.03 -15.23
CA GLN A 54 -18.99 -9.72 -16.23
C GLN A 54 -17.58 -9.16 -16.21
N TYR A 55 -16.62 -9.92 -16.74
CA TYR A 55 -15.23 -9.49 -16.58
C TYR A 55 -14.24 -10.05 -17.60
N GLU A 56 -14.62 -11.09 -18.33
CA GLU A 56 -13.70 -11.67 -19.29
C GLU A 56 -13.91 -11.05 -20.67
N ASN A 57 -12.83 -11.04 -21.46
CA ASN A 57 -12.86 -10.72 -22.88
C ASN A 57 -13.51 -9.37 -23.13
N LEU A 58 -12.92 -8.36 -22.53
CA LEU A 58 -13.46 -7.01 -22.57
C LEU A 58 -12.96 -6.25 -23.79
N SER A 59 -13.86 -5.45 -24.37
CA SER A 59 -13.48 -4.53 -25.42
C SER A 59 -12.59 -3.41 -24.87
N LEU A 60 -11.90 -2.71 -25.78
CA LEU A 60 -11.11 -1.55 -25.40
C LEU A 60 -11.93 -0.57 -24.57
N ALA A 61 -13.19 -0.34 -24.95
CA ALA A 61 -14.03 0.56 -24.17
C ALA A 61 -14.22 0.03 -22.76
N ASP A 62 -14.45 -1.28 -22.63
CA ASP A 62 -14.75 -1.84 -21.32
C ASP A 62 -13.52 -1.82 -20.43
N ILE A 63 -12.36 -2.10 -21.02
CA ILE A 63 -11.11 -2.00 -20.28
C ILE A 63 -10.95 -0.58 -19.75
N SER A 64 -11.15 0.41 -20.61
CA SER A 64 -10.97 1.79 -20.18
C SER A 64 -11.95 2.12 -19.05
N ALA A 65 -13.19 1.63 -19.16
CA ALA A 65 -14.18 1.86 -18.12
C ALA A 65 -13.72 1.27 -16.79
N VAL A 66 -13.22 0.02 -16.79
CA VAL A 66 -12.84 -0.57 -15.52
C VAL A 66 -11.55 0.03 -15.01
N GLN A 67 -10.73 0.60 -15.91
CA GLN A 67 -9.57 1.36 -15.47
C GLN A 67 -9.99 2.57 -14.66
N SER A 68 -11.14 3.18 -14.99
CA SER A 68 -11.62 4.33 -14.23
C SER A 68 -12.20 3.91 -12.88
N SER A 69 -13.05 2.90 -12.86
CA SER A 69 -13.81 2.67 -11.65
C SER A 69 -13.14 1.71 -10.70
N PHE A 70 -12.27 0.82 -11.19
CA PHE A 70 -11.46 -0.04 -10.32
C PHE A 70 -10.01 0.39 -10.22
N GLY A 71 -9.45 0.96 -11.29
CA GLY A 71 -8.03 1.12 -11.39
C GLY A 71 -7.34 -0.08 -12.00
N PHE A 72 -8.06 -0.92 -12.72
CA PHE A 72 -7.57 -2.20 -13.20
C PHE A 72 -7.42 -2.22 -14.71
N ASP A 73 -6.39 -2.88 -15.20
CA ASP A 73 -6.38 -3.33 -16.58
C ASP A 73 -7.00 -4.73 -16.60
N GLN A 74 -7.10 -5.31 -17.80
CA GLN A 74 -7.75 -6.61 -17.94
C GLN A 74 -7.10 -7.65 -17.03
N GLN A 75 -5.77 -7.60 -16.92
CA GLN A 75 -5.09 -8.58 -16.08
C GLN A 75 -5.40 -8.37 -14.61
N GLN A 76 -5.41 -7.11 -14.16
CA GLN A 76 -5.75 -6.88 -12.76
C GLN A 76 -7.18 -7.27 -12.47
N LEU A 77 -8.08 -7.10 -13.44
CA LEU A 77 -9.45 -7.49 -13.21
C LEU A 77 -9.58 -9.00 -13.01
N LEU A 78 -8.88 -9.78 -13.84
CA LEU A 78 -8.92 -11.23 -13.68
C LEU A 78 -8.35 -11.64 -12.33
N ALA A 79 -7.24 -11.03 -11.93
CA ALA A 79 -6.67 -11.30 -10.61
C ALA A 79 -7.66 -10.94 -9.49
N TYR A 80 -8.31 -9.79 -9.61
CA TYR A 80 -9.31 -9.40 -8.62
C TYR A 80 -10.34 -10.50 -8.40
N TYR A 81 -10.97 -10.97 -9.47
CA TYR A 81 -12.00 -11.99 -9.30
C TYR A 81 -11.41 -13.33 -8.85
N ASN A 82 -10.18 -13.64 -9.28
CA ASN A 82 -9.54 -14.85 -8.80
C ASN A 82 -9.28 -14.77 -7.30
N PHE A 83 -8.74 -13.63 -6.85
CA PHE A 83 -8.51 -13.44 -5.43
C PHE A 83 -9.79 -13.58 -4.62
N LEU A 84 -10.91 -13.07 -5.14
CA LEU A 84 -12.18 -13.23 -4.44
C LEU A 84 -12.52 -14.69 -4.27
N THR A 85 -12.19 -15.51 -5.26
CA THR A 85 -12.45 -16.93 -5.15
C THR A 85 -11.47 -17.60 -4.19
N VAL A 86 -10.17 -17.33 -4.34
CA VAL A 86 -9.16 -18.12 -3.64
C VAL A 86 -8.76 -17.63 -2.24
N CYS A 87 -9.09 -16.40 -1.87
CA CYS A 87 -8.67 -15.83 -0.57
C CYS A 87 -9.77 -15.88 0.47
N LYS A 88 -10.44 -17.02 0.65
CA LYS A 88 -11.53 -17.04 1.62
C LYS A 88 -10.95 -17.48 2.97
N TRP A 89 -10.27 -16.53 3.61
CA TRP A 89 -9.63 -16.76 4.89
C TRP A 89 -10.63 -16.46 6.00
N SER A 90 -10.55 -17.24 7.06
CA SER A 90 -11.48 -17.09 8.16
C SER A 90 -11.16 -15.82 8.93
N VAL A 91 -12.18 -15.00 9.18
CA VAL A 91 -12.04 -13.73 9.88
C VAL A 91 -12.44 -13.94 11.33
N VAL A 92 -11.62 -13.46 12.25
CA VAL A 92 -11.87 -13.68 13.67
C VAL A 92 -11.93 -12.35 14.36
N VAL A 93 -12.99 -12.14 15.14
CA VAL A 93 -13.24 -10.91 15.88
C VAL A 93 -12.61 -10.98 17.26
N ASN A 94 -12.00 -9.87 17.68
CA ASN A 94 -11.45 -9.74 19.03
C ASN A 94 -11.72 -8.31 19.46
N GLY A 95 -12.83 -8.11 20.20
CA GLY A 95 -13.22 -6.79 20.58
C GLY A 95 -13.59 -6.00 19.35
N PRO A 96 -13.04 -4.79 19.23
CA PRO A 96 -13.38 -3.94 18.08
C PRO A 96 -12.57 -4.23 16.83
N PHE A 97 -11.64 -5.18 16.88
CA PHE A 97 -10.77 -5.48 15.75
C PHE A 97 -11.04 -6.88 15.22
N PHE A 98 -10.70 -7.08 13.95
CA PHE A 98 -10.73 -8.41 13.36
C PHE A 98 -9.35 -8.76 12.83
N SER A 99 -9.12 -10.06 12.64
CA SER A 99 -7.87 -10.56 12.11
C SER A 99 -8.15 -11.83 11.35
N PHE A 100 -7.12 -12.35 10.68
CA PHE A 100 -7.24 -13.48 9.80
C PHE A 100 -6.54 -14.70 10.41
N GLU A 101 -7.14 -15.88 10.19
CA GLU A 101 -6.43 -17.13 10.42
C GLU A 101 -5.22 -17.22 9.52
N GLN A 102 -4.15 -17.83 10.04
CA GLN A 102 -2.94 -18.02 9.24
C GLN A 102 -3.25 -18.88 8.01
N SER A 103 -2.97 -18.38 6.82
CA SER A 103 -3.29 -19.14 5.62
C SER A 103 -2.63 -18.50 4.40
N HIS A 104 -2.05 -19.35 3.54
CA HIS A 104 -1.50 -18.93 2.25
C HIS A 104 -0.60 -17.71 2.37
N ASN A 105 0.21 -17.67 3.42
CA ASN A 105 1.23 -16.63 3.58
C ASN A 105 0.62 -15.24 3.72
N ASN A 106 -0.43 -15.10 4.53
CA ASN A 106 -1.22 -13.88 4.56
C ASN A 106 -0.88 -12.95 5.73
N SER A 107 0.19 -13.21 6.46
CA SER A 107 0.50 -12.42 7.64
C SER A 107 0.66 -10.94 7.29
N TYR A 108 1.16 -10.64 6.09
CA TYR A 108 1.34 -9.24 5.75
C TYR A 108 -0.01 -8.58 5.51
N VAL A 109 -0.97 -9.33 4.96
CA VAL A 109 -2.33 -8.85 4.88
C VAL A 109 -2.92 -8.70 6.27
N ASN A 110 -2.68 -9.69 7.13
CA ASN A 110 -3.24 -9.61 8.48
C ASN A 110 -2.77 -8.34 9.19
N VAL A 111 -1.46 -8.08 9.19
CA VAL A 111 -1.03 -6.93 9.97
C VAL A 111 -1.38 -5.61 9.27
N ALA A 112 -1.35 -5.56 7.94
CA ALA A 112 -1.74 -4.34 7.25
C ALA A 112 -3.20 -4.00 7.55
N CYS A 113 -4.09 -5.00 7.51
CA CYS A 113 -5.50 -4.74 7.82
C CYS A 113 -5.70 -4.38 9.30
N LEU A 114 -4.99 -5.04 10.21
CA LEU A 114 -5.09 -4.62 11.61
C LEU A 114 -4.70 -3.16 11.77
N MET A 115 -3.65 -2.71 11.09
CA MET A 115 -3.29 -1.29 11.17
C MET A 115 -4.38 -0.40 10.55
N LEU A 116 -4.84 -0.75 9.35
CA LEU A 116 -5.89 0.04 8.68
C LEU A 116 -7.13 0.22 9.55
N GLN A 117 -7.38 -0.67 10.50
CA GLN A 117 -8.61 -0.55 11.24
C GLN A 117 -8.61 0.64 12.19
N HIS A 118 -7.47 1.29 12.43
CA HIS A 118 -7.43 2.48 13.28
C HIS A 118 -7.76 3.78 12.55
N ILE A 119 -7.83 3.78 11.21
CA ILE A 119 -7.96 5.05 10.50
C ILE A 119 -9.27 5.12 9.71
N ASN A 120 -9.66 6.36 9.41
CA ASN A 120 -10.81 6.68 8.56
C ASN A 120 -10.32 7.12 7.20
N LEU A 121 -11.07 6.77 6.16
CA LEU A 121 -10.53 6.95 4.83
C LEU A 121 -11.67 7.24 3.86
N LYS A 122 -11.45 8.17 2.97
CA LYS A 122 -12.36 8.40 1.87
C LYS A 122 -11.65 8.03 0.59
N PHE A 123 -12.39 7.49 -0.37
CA PHE A 123 -11.76 6.94 -1.55
C PHE A 123 -12.23 7.68 -2.78
N ASN A 124 -11.32 7.81 -3.74
CA ASN A 124 -11.64 8.49 -4.98
C ASN A 124 -12.62 7.69 -5.83
N LYS A 125 -12.54 6.37 -5.79
CA LYS A 125 -13.37 5.51 -6.62
C LYS A 125 -14.48 4.87 -5.79
N TRP A 126 -15.68 4.88 -6.35
CA TRP A 126 -16.82 4.25 -5.69
C TRP A 126 -16.54 2.79 -5.34
N GLN A 127 -16.02 2.02 -6.31
CA GLN A 127 -15.72 0.61 -6.07
C GLN A 127 -14.91 0.42 -4.80
N TRP A 128 -13.90 1.25 -4.59
CA TRP A 128 -13.03 1.14 -3.44
C TRP A 128 -13.71 1.63 -2.17
N GLN A 129 -14.49 2.72 -2.26
CA GLN A 129 -15.21 3.21 -1.11
C GLN A 129 -16.21 2.17 -0.60
N GLU A 130 -16.93 1.53 -1.52
CA GLU A 130 -17.83 0.45 -1.11
C GLU A 130 -17.06 -0.69 -0.46
N ALA A 131 -15.94 -1.11 -1.05
CA ALA A 131 -15.17 -2.18 -0.43
C ALA A 131 -14.69 -1.74 0.94
N TRP A 132 -14.34 -0.47 1.08
CA TRP A 132 -13.89 0.02 2.38
C TRP A 132 -15.00 -0.08 3.42
N TYR A 133 -16.21 0.39 3.09
CA TYR A 133 -17.32 0.31 4.05
C TYR A 133 -17.53 -1.14 4.51
N GLU A 134 -17.56 -2.08 3.55
CA GLU A 134 -17.57 -3.50 3.87
C GLU A 134 -16.44 -3.87 4.83
N PHE A 135 -15.22 -3.41 4.55
CA PHE A 135 -14.09 -3.63 5.43
C PHE A 135 -14.36 -3.08 6.83
N ARG A 136 -14.96 -1.88 6.91
CA ARG A 136 -15.21 -1.29 8.22
C ARG A 136 -16.20 -2.11 9.03
N ALA A 137 -17.12 -2.77 8.35
CA ALA A 137 -18.15 -3.56 9.01
C ALA A 137 -17.66 -4.98 9.33
N GLY A 138 -16.36 -5.24 9.24
CA GLY A 138 -15.85 -6.54 9.56
C GLY A 138 -15.87 -7.55 8.44
N ARG A 139 -15.96 -7.09 7.19
CA ARG A 139 -16.02 -7.97 6.00
C ARG A 139 -14.95 -7.56 4.99
N PRO A 140 -13.67 -7.84 5.29
CA PRO A 140 -12.57 -7.29 4.49
C PRO A 140 -12.27 -8.02 3.19
N HIS A 141 -13.04 -9.05 2.84
CA HIS A 141 -12.70 -9.91 1.71
C HIS A 141 -12.57 -9.11 0.40
N ARG A 142 -13.49 -8.17 0.16
CA ARG A 142 -13.51 -7.46 -1.11
C ARG A 142 -12.36 -6.46 -1.21
N LEU A 143 -12.10 -5.71 -0.12
CA LEU A 143 -10.95 -4.82 -0.09
C LEU A 143 -9.66 -5.58 -0.31
N VAL A 144 -9.52 -6.75 0.33
CA VAL A 144 -8.28 -7.50 0.21
C VAL A 144 -8.06 -7.91 -1.24
N ALA A 145 -9.12 -8.32 -1.92
CA ALA A 145 -8.96 -8.74 -3.30
C ALA A 145 -8.63 -7.55 -4.19
N LEU A 146 -9.23 -6.38 -3.93
CA LEU A 146 -8.86 -5.20 -4.70
C LEU A 146 -7.38 -4.86 -4.51
N VAL A 147 -6.93 -4.82 -3.26
CA VAL A 147 -5.56 -4.41 -2.99
C VAL A 147 -4.58 -5.38 -3.63
N LEU A 148 -4.82 -6.69 -3.46
CA LEU A 148 -3.90 -7.68 -4.00
C LEU A 148 -3.82 -7.58 -5.51
N ALA A 149 -4.96 -7.42 -6.17
CA ALA A 149 -4.97 -7.24 -7.61
C ALA A 149 -4.31 -5.93 -8.01
N LYS A 150 -4.70 -4.83 -7.34
CA LYS A 150 -4.19 -3.52 -7.72
C LYS A 150 -2.68 -3.48 -7.60
N GLY A 151 -2.15 -4.08 -6.53
CA GLY A 151 -0.74 -4.07 -6.27
C GLY A 151 0.08 -5.13 -6.95
N HIS A 152 -0.53 -6.00 -7.76
CA HIS A 152 0.19 -7.11 -8.41
C HIS A 152 0.80 -8.07 -7.40
N PHE A 153 0.18 -8.21 -6.24
CA PHE A 153 0.61 -9.26 -5.33
C PHE A 153 0.35 -10.60 -5.95
N LYS A 154 1.17 -11.58 -5.61
CA LYS A 154 0.98 -12.94 -6.06
C LYS A 154 0.43 -13.77 -4.91
N PHE A 155 -0.55 -14.61 -5.24
CA PHE A 155 -1.22 -15.43 -4.23
C PHE A 155 -0.25 -16.38 -3.55
N ASP A 156 -0.39 -16.51 -2.22
CA ASP A 156 0.36 -17.50 -1.44
C ASP A 156 1.86 -17.21 -1.45
N GLU A 157 2.24 -15.95 -1.41
CA GLU A 157 3.65 -15.58 -1.42
C GLU A 157 3.90 -14.58 -0.29
N PRO A 158 4.91 -14.80 0.54
CA PRO A 158 5.24 -13.80 1.55
C PRO A 158 5.50 -12.46 0.87
N SER A 159 4.85 -11.42 1.35
CA SER A 159 4.97 -10.10 0.76
C SER A 159 5.17 -9.06 1.86
N ASP A 160 4.95 -7.79 1.51
CA ASP A 160 5.37 -6.65 2.32
C ASP A 160 4.14 -5.86 2.75
N ALA A 161 4.01 -5.63 4.05
CA ALA A 161 2.81 -5.00 4.57
C ALA A 161 2.77 -3.51 4.26
N THR A 162 3.92 -2.82 4.24
CA THR A 162 3.92 -1.42 3.84
C THR A 162 3.33 -1.29 2.46
N ASP A 163 3.61 -2.24 1.58
CA ASP A 163 3.10 -2.16 0.22
C ASP A 163 1.59 -2.30 0.21
N PHE A 164 1.06 -3.20 1.02
CA PHE A 164 -0.38 -3.37 1.09
C PHE A 164 -1.03 -2.08 1.56
N ILE A 165 -0.53 -1.51 2.66
CA ILE A 165 -1.04 -0.23 3.15
C ILE A 165 -0.94 0.82 2.05
N ARG A 166 0.20 0.85 1.36
CA ARG A 166 0.44 1.90 0.37
C ARG A 166 -0.55 1.82 -0.78
N VAL A 167 -0.91 0.62 -1.22
CA VAL A 167 -1.89 0.49 -2.29
C VAL A 167 -3.20 1.12 -1.85
N VAL A 168 -3.58 0.92 -0.60
CA VAL A 168 -4.85 1.44 -0.11
C VAL A 168 -4.79 2.96 -0.05
N LEU A 169 -3.73 3.50 0.56
CA LEU A 169 -3.68 4.95 0.74
C LEU A 169 -3.58 5.70 -0.58
N LYS A 170 -3.01 5.10 -1.63
CA LYS A 170 -3.00 5.71 -2.95
C LYS A 170 -4.39 5.79 -3.58
N GLN A 171 -5.33 4.95 -3.16
CA GLN A 171 -6.69 5.07 -3.65
C GLN A 171 -7.52 6.03 -2.83
N ALA A 172 -6.99 6.52 -1.72
CA ALA A 172 -7.70 7.41 -0.82
C ALA A 172 -7.57 8.88 -1.25
N ASP A 173 -8.64 9.63 -1.02
CA ASP A 173 -8.55 11.09 -1.08
C ASP A 173 -7.82 11.55 0.18
N LEU A 174 -6.54 11.88 0.03
CA LEU A 174 -5.76 12.43 1.12
C LEU A 174 -5.34 13.86 0.80
N SER A 175 -6.20 14.58 0.08
CA SER A 175 -5.81 15.86 -0.55
C SER A 175 -5.54 16.97 0.45
N GLY A 176 -5.95 16.86 1.71
CA GLY A 176 -5.62 17.87 2.68
C GLY A 176 -4.41 17.57 3.53
N ALA A 177 -3.81 16.38 3.38
CA ALA A 177 -2.68 15.96 4.20
C ALA A 177 -1.42 16.62 3.69
N ILE A 178 -0.81 17.48 4.51
CA ILE A 178 0.40 18.19 4.11
C ILE A 178 1.51 17.88 5.09
N CYS A 179 2.73 17.87 4.57
CA CYS A 179 3.91 17.80 5.40
C CYS A 179 5.01 18.57 4.71
N GLU A 180 5.55 19.59 5.38
CA GLU A 180 6.57 20.45 4.81
C GLU A 180 7.91 20.13 5.44
N LEU A 181 8.90 19.91 4.59
CA LEU A 181 10.18 19.36 4.99
C LEU A 181 11.29 20.26 4.53
N GLU A 182 12.37 20.27 5.30
CA GLU A 182 13.61 20.92 4.93
C GLU A 182 14.72 19.89 5.01
N LEU A 183 15.51 19.78 3.94
CA LEU A 183 16.61 18.82 3.87
C LEU A 183 17.91 19.59 3.93
N ILE A 184 18.63 19.45 5.04
CA ILE A 184 19.82 20.24 5.29
C ILE A 184 21.04 19.38 5.01
N CYS A 185 21.81 19.80 4.01
CA CYS A 185 23.05 19.16 3.59
C CYS A 185 24.14 20.23 3.57
N ASP A 186 25.39 19.79 3.45
CA ASP A 186 26.46 20.73 3.14
C ASP A 186 26.62 20.93 1.64
N CYS A 187 26.20 19.96 0.84
CA CYS A 187 26.23 20.06 -0.62
C CYS A 187 25.13 20.96 -1.16
N GLY A 188 23.95 20.94 -0.54
CA GLY A 188 22.85 21.79 -0.96
C GLY A 188 21.73 21.73 0.04
N ILE A 189 20.77 22.62 -0.12
CA ILE A 189 19.62 22.70 0.78
C ILE A 189 18.34 22.65 -0.05
N LYS A 190 17.35 21.89 0.43
CA LYS A 190 16.12 21.61 -0.30
C LYS A 190 14.92 21.71 0.64
N GLN A 191 13.81 22.24 0.12
CA GLN A 191 12.54 22.26 0.85
C GLN A 191 11.48 21.55 0.03
N GLU A 192 10.60 20.82 0.71
CA GLU A 192 9.61 20.03 0.02
C GLU A 192 8.29 20.15 0.73
N SER A 193 7.22 20.27 -0.05
CA SER A 193 5.85 20.21 0.42
C SER A 193 5.26 18.88 -0.06
N ARG A 194 5.25 17.89 0.81
CA ARG A 194 4.69 16.60 0.42
C ARG A 194 3.20 16.57 0.69
N VAL A 195 2.45 16.01 -0.25
CA VAL A 195 1.00 15.93 -0.13
C VAL A 195 0.54 14.50 -0.29
N GLY A 196 -0.53 14.15 0.40
CA GLY A 196 -1.19 12.89 0.15
C GLY A 196 -0.44 11.73 0.76
N VAL A 197 -0.25 10.66 -0.03
CA VAL A 197 0.49 9.52 0.48
C VAL A 197 1.91 9.94 0.87
N ASP A 198 2.49 10.90 0.17
CA ASP A 198 3.81 11.42 0.51
C ASP A 198 3.84 12.12 1.86
N ALA A 199 2.71 12.64 2.34
CA ALA A 199 2.66 13.32 3.63
C ALA A 199 2.37 12.37 4.78
N VAL A 200 1.48 11.39 4.56
CA VAL A 200 1.08 10.51 5.65
C VAL A 200 1.98 9.29 5.79
N MET A 201 2.84 9.03 4.82
CA MET A 201 3.75 7.89 4.85
C MET A 201 5.20 8.36 4.82
N HIS A 202 5.98 7.97 5.81
CA HIS A 202 7.38 8.33 5.79
C HIS A 202 8.22 7.08 5.97
N PHE A 203 9.31 6.97 5.20
CA PHE A 203 10.19 5.81 5.24
C PHE A 203 11.60 6.22 5.60
N GLY A 204 12.22 5.47 6.52
CA GLY A 204 13.59 5.75 6.93
C GLY A 204 13.76 5.84 8.43
N THR A 205 12.64 5.89 9.16
CA THR A 205 12.64 5.91 10.62
C THR A 205 11.25 5.54 11.09
N LEU A 206 11.19 4.87 12.24
CA LEU A 206 9.92 4.53 12.87
C LEU A 206 9.33 5.66 13.70
N ALA A 207 10.13 6.64 14.09
CA ALA A 207 9.78 7.58 15.14
C ALA A 207 9.25 8.87 14.56
N LYS A 208 8.04 9.24 14.96
CA LYS A 208 7.51 10.55 14.58
C LYS A 208 8.40 11.67 15.11
N THR A 209 8.93 11.50 16.32
CA THR A 209 9.80 12.50 16.94
C THR A 209 11.04 12.75 16.10
N ASP A 210 11.53 11.75 15.36
CA ASP A 210 12.68 11.95 14.49
C ASP A 210 12.38 12.96 13.39
N LEU A 211 11.11 13.01 12.93
CA LEU A 211 10.77 14.00 11.93
C LEU A 211 10.72 15.40 12.55
N PHE A 212 10.19 15.49 13.77
CA PHE A 212 10.07 16.78 14.44
C PHE A 212 11.45 17.30 14.85
N ASN A 213 12.21 16.46 15.56
CA ASN A 213 13.55 16.84 16.02
C ASN A 213 14.55 16.94 14.88
N GLY A 214 14.28 16.29 13.75
CA GLY A 214 15.24 16.21 12.67
C GLY A 214 16.13 14.99 12.85
N TYR A 215 16.50 14.33 11.75
CA TYR A 215 17.29 13.11 11.86
C TYR A 215 18.18 12.98 10.63
N LYS A 216 19.34 12.34 10.82
CA LYS A 216 20.36 12.17 9.79
C LYS A 216 20.09 10.94 8.92
N ILE A 217 20.24 11.12 7.62
CA ILE A 217 20.31 9.97 6.71
C ILE A 217 21.58 10.09 5.88
N GLY A 218 22.06 8.93 5.41
CA GLY A 218 23.21 8.87 4.52
C GLY A 218 23.10 9.71 3.27
N CYS A 219 24.13 10.53 3.02
CA CYS A 219 24.24 11.27 1.78
C CYS A 219 25.61 10.97 1.20
N ASN A 220 26.02 11.69 0.18
CA ASN A 220 27.41 11.65 -0.26
C ASN A 220 28.26 12.75 0.35
N CYS A 221 27.62 13.78 0.93
CA CYS A 221 28.33 14.83 1.65
C CYS A 221 28.40 14.46 3.14
N ALA A 222 28.78 15.44 3.97
CA ALA A 222 29.07 15.15 5.38
C ALA A 222 27.86 14.55 6.10
N GLY A 223 26.65 14.98 5.73
CA GLY A 223 25.45 14.45 6.34
C GLY A 223 24.19 15.17 5.89
N ARG A 224 23.10 14.43 5.77
CA ARG A 224 21.81 14.97 5.37
C ARG A 224 20.86 14.91 6.55
N ILE A 225 20.37 16.08 6.99
CA ILE A 225 19.37 16.17 8.04
C ILE A 225 17.99 16.31 7.38
N VAL A 226 17.06 15.45 7.79
CA VAL A 226 15.68 15.51 7.33
C VAL A 226 14.88 16.11 8.46
N HIS A 227 14.18 17.21 8.21
CA HIS A 227 13.50 17.88 9.31
C HIS A 227 12.15 18.45 8.88
N CYS A 228 11.12 18.16 9.67
CA CYS A 228 9.75 18.62 9.42
C CYS A 228 9.51 19.99 10.03
N THR A 229 9.15 20.97 9.19
CA THR A 229 8.79 22.29 9.68
C THR A 229 7.29 22.50 9.81
N LYS A 230 6.47 21.75 9.09
CA LYS A 230 5.01 21.87 9.22
C LYS A 230 4.37 20.52 8.92
N LEU A 231 3.47 20.10 9.81
CA LEU A 231 2.73 18.86 9.68
C LEU A 231 1.24 19.12 9.90
N ASN A 232 0.41 18.59 9.00
CA ASN A 232 -1.04 18.63 9.15
C ASN A 232 -1.57 17.39 8.41
N VAL A 233 -1.78 16.31 9.16
CA VAL A 233 -2.21 15.04 8.56
C VAL A 233 -3.24 14.38 9.43
N PRO A 234 -4.11 13.58 8.84
CA PRO A 234 -5.09 12.83 9.64
C PRO A 234 -4.47 11.67 10.39
N PHE A 235 -3.35 11.16 9.91
CA PHE A 235 -2.64 10.06 10.55
C PHE A 235 -1.26 10.04 9.91
N LEU A 236 -0.38 9.23 10.48
CA LEU A 236 0.99 9.16 10.01
C LEU A 236 1.52 7.75 10.21
N ILE A 237 2.10 7.17 9.15
CA ILE A 237 2.80 5.88 9.25
C ILE A 237 4.27 6.11 8.94
N CYS A 238 5.13 5.78 9.91
CA CYS A 238 6.58 5.80 9.75
C CYS A 238 7.05 4.36 9.64
N SER A 239 7.75 4.06 8.55
CA SER A 239 8.18 2.71 8.21
C SER A 239 9.70 2.67 8.05
N ASN A 240 10.28 1.51 8.26
CA ASN A 240 11.72 1.33 8.04
C ASN A 240 12.04 -0.14 7.86
N THR A 241 13.21 -0.40 7.28
CA THR A 241 13.80 -1.73 7.31
C THR A 241 13.79 -2.28 8.73
N PRO A 242 13.41 -3.55 8.93
CA PRO A 242 13.34 -4.11 10.30
C PRO A 242 14.67 -4.14 10.99
N LEU A 243 14.94 -3.16 11.87
CA LEU A 243 16.28 -3.00 12.45
C LEU A 243 16.27 -2.91 13.97
N SER A 244 15.19 -2.41 14.55
CA SER A 244 15.18 -2.02 15.95
C SER A 244 14.01 -2.69 16.65
N LYS A 245 14.17 -2.93 17.94
CA LYS A 245 13.08 -3.42 18.75
C LYS A 245 12.53 -2.34 19.68
N ASP A 246 13.09 -1.13 19.65
CA ASP A 246 12.70 -0.08 20.56
C ASP A 246 11.50 0.67 20.01
N LEU A 247 10.35 0.54 20.67
CA LEU A 247 9.11 1.22 20.28
C LEU A 247 9.22 2.72 20.52
N PRO A 248 9.01 3.56 19.51
CA PRO A 248 9.03 5.02 19.76
C PRO A 248 7.86 5.47 20.60
N ASP A 249 7.95 6.73 21.05
CA ASP A 249 6.87 7.35 21.81
C ASP A 249 5.64 7.56 20.93
N ASP A 250 4.45 7.41 21.53
CA ASP A 250 3.13 7.78 20.99
C ASP A 250 2.56 6.81 19.96
N VAL A 251 3.22 5.69 19.71
CA VAL A 251 2.76 4.77 18.69
C VAL A 251 1.40 4.21 19.10
N VAL A 252 0.49 4.12 18.12
CA VAL A 252 -0.83 3.52 18.36
C VAL A 252 -0.84 2.05 18.00
N ALA A 253 -0.33 1.72 16.84
CA ALA A 253 -0.21 0.34 16.44
C ALA A 253 1.09 0.22 15.66
N ALA A 254 1.53 -1.03 15.47
CA ALA A 254 2.82 -1.27 14.86
C ALA A 254 2.86 -2.66 14.27
N ASN A 255 3.58 -2.81 13.16
CA ASN A 255 3.87 -4.11 12.58
C ASN A 255 5.28 -4.51 12.94
N MET A 256 5.48 -5.81 13.15
CA MET A 256 6.80 -6.36 13.44
C MET A 256 7.08 -7.54 12.54
N PHE A 257 8.33 -7.65 12.11
CA PHE A 257 8.78 -8.67 11.17
C PHE A 257 9.87 -9.50 11.82
N MET A 258 9.67 -10.81 11.86
CA MET A 258 10.66 -11.74 12.38
C MET A 258 11.03 -12.75 11.31
N GLY A 259 12.32 -12.82 11.02
CA GLY A 259 12.90 -13.76 10.06
C GLY A 259 14.22 -13.23 9.54
N VAL A 260 14.99 -14.12 8.89
CA VAL A 260 16.32 -13.78 8.38
C VAL A 260 16.29 -13.72 6.86
N GLY A 261 15.13 -13.39 6.31
CA GLY A 261 14.90 -13.36 4.88
C GLY A 261 13.41 -13.44 4.63
N VAL A 262 12.93 -14.60 4.20
CA VAL A 262 11.51 -14.91 4.34
C VAL A 262 11.17 -14.84 5.82
N GLY A 263 10.02 -14.28 6.14
CA GLY A 263 9.70 -14.12 7.54
C GLY A 263 8.23 -14.08 7.87
N HIS A 264 7.90 -13.54 9.05
CA HIS A 264 6.55 -13.58 9.58
C HIS A 264 6.23 -12.27 10.26
N TYR A 265 5.03 -11.76 10.00
CA TYR A 265 4.57 -10.49 10.53
C TYR A 265 3.68 -10.71 11.75
N THR A 266 3.89 -9.90 12.79
CA THR A 266 2.95 -9.82 13.89
C THR A 266 2.62 -8.35 14.13
N HIS A 267 1.65 -8.11 15.03
CA HIS A 267 1.06 -6.79 15.19
C HIS A 267 0.99 -6.45 16.68
N LEU A 268 1.13 -5.18 17.03
CA LEU A 268 0.84 -4.79 18.41
C LEU A 268 0.04 -3.50 18.46
N LYS A 269 -0.91 -3.46 19.36
CA LYS A 269 -1.68 -2.25 19.63
C LYS A 269 -1.35 -1.78 21.04
N CYS A 270 -1.34 -0.47 21.23
CA CYS A 270 -0.90 0.11 22.50
C CYS A 270 -2.12 0.59 23.28
N GLY A 271 -2.95 -0.38 23.66
CA GLY A 271 -4.17 -0.12 24.38
C GLY A 271 -3.98 -0.13 25.89
N SER A 272 -5.11 -0.04 26.59
CA SER A 272 -5.08 -0.03 28.05
C SER A 272 -4.45 -1.27 28.65
N PRO A 273 -4.62 -2.47 28.10
CA PRO A 273 -3.74 -3.58 28.49
C PRO A 273 -2.46 -3.69 27.65
N TYR A 274 -2.53 -3.41 26.33
CA TYR A 274 -1.49 -3.68 25.31
C TYR A 274 -1.63 -5.08 24.73
N GLN A 275 -1.90 -5.16 23.43
CA GLN A 275 -2.25 -6.42 22.80
C GLN A 275 -1.24 -6.76 21.72
N HIS A 276 -0.93 -8.05 21.61
CA HIS A 276 -0.02 -8.57 20.59
C HIS A 276 -0.80 -9.54 19.73
N TYR A 277 -0.75 -9.35 18.42
CA TYR A 277 -1.54 -10.11 17.46
C TYR A 277 -0.62 -10.97 16.59
N ASP A 278 -0.91 -12.27 16.54
CA ASP A 278 -0.23 -13.20 15.65
C ASP A 278 -1.36 -13.98 14.99
N ALA A 279 -1.63 -13.66 13.73
CA ALA A 279 -2.75 -14.23 12.96
C ALA A 279 -4.04 -13.91 13.71
N CYS A 280 -4.87 -14.89 14.05
CA CYS A 280 -6.16 -14.68 14.69
C CYS A 280 -6.10 -14.74 16.22
N SER A 281 -4.91 -14.78 16.80
CA SER A 281 -4.71 -14.95 18.23
C SER A 281 -4.17 -13.66 18.86
N VAL A 282 -4.64 -13.35 20.08
CA VAL A 282 -4.25 -12.13 20.77
C VAL A 282 -3.68 -12.51 22.14
N LYS A 283 -2.72 -11.72 22.61
CA LYS A 283 -1.91 -12.09 23.76
C LYS A 283 -1.36 -10.82 24.40
N LYS A 284 -1.15 -10.89 25.72
CA LYS A 284 -0.49 -9.84 26.48
C LYS A 284 0.85 -9.47 25.82
N TYR A 285 1.19 -8.18 25.87
CA TYR A 285 2.45 -7.72 25.30
C TYR A 285 3.62 -8.09 26.21
N THR A 286 4.67 -8.67 25.61
CA THR A 286 5.87 -9.05 26.34
C THR A 286 7.13 -8.67 25.55
N GLY A 287 7.05 -7.64 24.73
CA GLY A 287 8.18 -7.19 23.94
C GLY A 287 7.97 -7.44 22.45
N VAL A 288 8.89 -6.87 21.66
CA VAL A 288 8.74 -6.92 20.21
C VAL A 288 9.02 -8.34 19.70
N SER A 289 8.36 -8.69 18.60
CA SER A 289 8.46 -10.01 17.99
C SER A 289 9.19 -9.85 16.65
N GLY A 290 10.50 -9.77 16.71
CA GLY A 290 11.28 -9.43 15.53
C GLY A 290 11.76 -7.99 15.61
N CYS A 291 11.41 -7.18 14.62
CA CYS A 291 11.75 -5.77 14.58
C CYS A 291 10.57 -4.98 14.06
N LEU A 292 10.44 -3.75 14.57
CA LEU A 292 9.39 -2.88 14.08
C LEU A 292 9.65 -2.54 12.61
N THR A 293 8.62 -2.63 11.78
CA THR A 293 8.70 -2.12 10.40
C THR A 293 7.73 -0.98 10.11
N ASP A 294 6.53 -0.98 10.66
CA ASP A 294 5.58 0.09 10.48
C ASP A 294 5.06 0.54 11.84
N CYS A 295 4.84 1.85 11.98
CA CYS A 295 4.42 2.47 13.24
C CYS A 295 3.37 3.54 12.96
N LEU A 296 2.17 3.36 13.50
CA LEU A 296 1.06 4.26 13.23
C LEU A 296 0.86 5.28 14.37
N TYR A 297 0.72 6.55 14.00
CA TYR A 297 0.44 7.65 14.91
C TYR A 297 -0.88 8.30 14.53
N LEU A 298 -1.60 8.81 15.55
CA LEU A 298 -2.92 9.39 15.36
C LEU A 298 -3.07 10.78 15.97
N LYS A 299 -2.61 10.96 17.19
CA LYS A 299 -2.93 12.17 17.95
C LYS A 299 -1.95 13.30 17.64
N ASN A 300 -2.44 14.53 17.79
CA ASN A 300 -1.63 15.76 17.77
C ASN A 300 -0.67 15.81 16.58
N LEU A 301 -1.22 15.63 15.38
CA LEU A 301 -0.42 15.66 14.15
C LEU A 301 -0.67 16.92 13.35
N THR A 302 -0.97 18.01 14.06
CA THR A 302 -0.96 19.37 13.51
C THR A 302 0.12 20.13 14.28
N GLN A 303 1.21 20.47 13.59
CA GLN A 303 2.39 21.05 14.25
C GLN A 303 3.10 22.00 13.31
N THR A 304 3.79 22.98 13.90
CA THR A 304 4.76 23.79 13.21
C THR A 304 6.04 23.81 14.04
N PHE A 305 7.18 23.66 13.38
CA PHE A 305 8.47 23.67 14.06
C PHE A 305 9.38 24.73 13.47
N THR A 306 10.40 25.09 14.23
CA THR A 306 11.32 26.13 13.82
C THR A 306 12.20 25.61 12.67
N SER A 307 12.30 26.40 11.61
CA SER A 307 13.30 26.11 10.60
C SER A 307 14.70 26.13 11.22
N MET A 308 15.65 25.53 10.51
CA MET A 308 17.00 25.35 11.00
C MET A 308 17.98 26.29 10.29
N LEU A 309 17.51 27.46 9.88
CA LEU A 309 18.33 28.49 9.23
C LEU A 309 18.08 29.87 9.84
N GLY B 1 19.87 20.29 -19.11
CA GLY B 1 18.79 19.89 -20.01
C GLY B 1 18.22 18.51 -19.74
N ALA B 2 17.00 18.28 -20.24
CA ALA B 2 16.24 17.09 -19.89
C ALA B 2 16.95 15.80 -20.34
N MET B 3 17.69 15.85 -21.44
CA MET B 3 18.39 14.68 -21.97
C MET B 3 19.88 14.70 -21.67
N ASP B 4 20.31 15.55 -20.75
CA ASP B 4 21.75 15.57 -20.51
C ASP B 4 22.14 14.58 -19.41
N PRO B 5 23.25 13.86 -19.57
CA PRO B 5 23.61 12.83 -18.59
C PRO B 5 24.15 13.43 -17.31
N MET B 6 23.86 12.73 -16.21
CA MET B 6 24.35 13.07 -14.89
C MET B 6 24.56 11.81 -14.08
N GLN B 7 25.25 11.96 -12.95
CA GLN B 7 25.38 10.91 -11.96
C GLN B 7 24.34 11.09 -10.86
N ILE B 8 23.80 9.96 -10.37
CA ILE B 8 23.16 9.94 -9.07
C ILE B 8 23.74 8.76 -8.30
N PHE B 9 23.49 8.77 -6.99
CA PHE B 9 24.00 7.75 -6.10
C PHE B 9 22.85 7.00 -5.44
N VAL B 10 23.02 5.69 -5.31
CA VAL B 10 22.07 4.81 -4.64
C VAL B 10 22.78 4.12 -3.50
N LYS B 11 22.29 4.33 -2.28
CA LYS B 11 22.79 3.67 -1.10
C LYS B 11 21.97 2.43 -0.78
N THR B 12 22.67 1.35 -0.46
CA THR B 12 22.04 0.06 -0.19
C THR B 12 22.09 -0.23 1.30
N LEU B 13 21.32 -1.22 1.71
CA LEU B 13 21.37 -1.64 3.11
C LEU B 13 22.70 -2.28 3.48
N THR B 14 23.54 -2.59 2.50
CA THR B 14 24.82 -3.26 2.72
C THR B 14 25.99 -2.29 2.86
N GLY B 15 25.73 -0.98 2.92
CA GLY B 15 26.77 0.01 2.99
C GLY B 15 27.30 0.50 1.65
N LYS B 16 26.84 -0.08 0.55
CA LYS B 16 27.43 0.16 -0.76
C LYS B 16 26.74 1.34 -1.44
N THR B 17 27.52 2.11 -2.23
CA THR B 17 27.00 3.24 -2.98
C THR B 17 27.11 2.94 -4.49
N ILE B 18 25.97 2.74 -5.14
CA ILE B 18 25.93 2.59 -6.60
C ILE B 18 26.10 3.96 -7.23
N THR B 19 26.83 4.01 -8.35
CA THR B 19 26.86 5.20 -9.20
C THR B 19 26.09 4.87 -10.47
N LEU B 20 25.12 5.72 -10.81
CA LEU B 20 24.30 5.51 -12.00
C LEU B 20 24.46 6.68 -12.95
N GLU B 21 24.46 6.38 -14.24
CA GLU B 21 24.33 7.40 -15.28
C GLU B 21 22.86 7.50 -15.64
N VAL B 22 22.27 8.67 -15.40
CA VAL B 22 20.85 8.92 -15.67
C VAL B 22 20.70 10.24 -16.39
N GLU B 23 19.53 10.42 -16.97
CA GLU B 23 19.07 11.68 -17.50
C GLU B 23 17.85 12.12 -16.71
N PRO B 24 17.66 13.43 -16.53
CA PRO B 24 16.50 13.88 -15.75
C PRO B 24 15.19 13.35 -16.29
N SER B 25 15.12 13.04 -17.58
CA SER B 25 13.92 12.50 -18.19
C SER B 25 13.74 10.99 -17.96
N ASP B 26 14.67 10.33 -17.26
CA ASP B 26 14.54 8.91 -16.97
C ASP B 26 13.41 8.67 -15.97
N THR B 27 12.64 7.61 -16.19
CA THR B 27 11.66 7.24 -15.18
C THR B 27 12.32 6.50 -14.02
N ILE B 28 11.58 6.42 -12.92
CA ILE B 28 11.99 5.55 -11.82
C ILE B 28 12.12 4.11 -12.30
N GLU B 29 11.19 3.65 -13.14
CA GLU B 29 11.35 2.39 -13.84
C GLU B 29 12.72 2.26 -14.48
N ASN B 30 13.11 3.26 -15.27
CA ASN B 30 14.41 3.22 -15.93
C ASN B 30 15.53 3.06 -14.92
N VAL B 31 15.48 3.84 -13.84
CA VAL B 31 16.51 3.80 -12.82
C VAL B 31 16.58 2.41 -12.20
N LYS B 32 15.43 1.84 -11.86
CA LYS B 32 15.41 0.48 -11.32
C LYS B 32 16.01 -0.50 -12.32
N ALA B 33 15.65 -0.37 -13.60
CA ALA B 33 16.25 -1.21 -14.65
C ALA B 33 17.76 -1.13 -14.60
N LYS B 34 18.30 0.08 -14.52
CA LYS B 34 19.74 0.24 -14.43
C LYS B 34 20.30 -0.40 -13.16
N ILE B 35 19.53 -0.43 -12.08
CA ILE B 35 20.04 -1.05 -10.86
C ILE B 35 20.10 -2.56 -11.01
N GLN B 36 19.17 -3.16 -11.77
CA GLN B 36 19.28 -4.58 -12.07
C GLN B 36 20.54 -4.91 -12.87
N ASP B 37 20.86 -4.09 -13.89
CA ASP B 37 22.07 -4.33 -14.66
C ASP B 37 23.28 -4.38 -13.76
N LYS B 38 23.35 -3.47 -12.79
CA LYS B 38 24.53 -3.30 -11.96
C LYS B 38 24.53 -4.26 -10.76
N GLU B 39 23.36 -4.54 -10.20
CA GLU B 39 23.30 -5.24 -8.91
C GLU B 39 22.49 -6.53 -8.95
N GLY B 40 21.88 -6.88 -10.09
CA GLY B 40 21.15 -8.12 -10.22
C GLY B 40 19.84 -8.19 -9.47
N ILE B 41 19.37 -7.09 -8.91
CA ILE B 41 18.12 -7.07 -8.20
C ILE B 41 16.97 -6.81 -9.17
N PRO B 42 15.95 -7.65 -9.21
CA PRO B 42 14.81 -7.38 -10.11
C PRO B 42 14.12 -6.08 -9.76
N PRO B 43 13.74 -5.29 -10.76
CA PRO B 43 13.07 -4.01 -10.48
C PRO B 43 11.87 -4.13 -9.55
N ASP B 44 11.08 -5.19 -9.64
CA ASP B 44 9.92 -5.24 -8.78
C ASP B 44 10.24 -5.57 -7.33
N GLN B 45 11.47 -5.93 -7.00
CA GLN B 45 11.83 -6.06 -5.61
C GLN B 45 12.38 -4.77 -5.01
N GLN B 46 12.68 -3.76 -5.84
CA GLN B 46 13.36 -2.56 -5.40
C GLN B 46 12.39 -1.52 -4.87
N ARG B 47 12.76 -0.88 -3.77
CA ARG B 47 12.02 0.28 -3.28
C ARG B 47 13.00 1.46 -3.20
N LEU B 48 12.77 2.48 -4.03
CA LEU B 48 13.63 3.67 -4.08
C LEU B 48 12.99 4.78 -3.26
N ILE B 49 13.77 5.35 -2.35
CA ILE B 49 13.30 6.42 -1.48
C ILE B 49 14.23 7.61 -1.59
N PHE B 50 13.64 8.81 -1.68
CA PHE B 50 14.39 10.05 -1.58
C PHE B 50 13.92 10.78 -0.33
N ALA B 51 14.79 10.85 0.68
CA ALA B 51 14.55 11.63 1.88
C ALA B 51 13.19 11.30 2.51
N GLY B 52 12.91 10.00 2.61
CA GLY B 52 11.69 9.54 3.23
C GLY B 52 10.51 9.34 2.31
N LYS B 53 10.61 9.75 1.05
CA LYS B 53 9.54 9.68 0.07
C LYS B 53 9.81 8.55 -0.91
N GLN B 54 8.84 7.65 -1.05
CA GLN B 54 8.96 6.51 -1.93
C GLN B 54 8.72 6.98 -3.38
N LEU B 55 9.47 6.43 -4.33
CA LEU B 55 9.47 6.98 -5.68
C LEU B 55 8.68 6.09 -6.62
N GLU B 56 7.73 6.70 -7.36
CA GLU B 56 6.79 5.96 -8.21
C GLU B 56 7.41 5.61 -9.56
N ASP B 57 7.16 4.38 -10.00
CA ASP B 57 7.84 3.87 -11.19
C ASP B 57 7.64 4.76 -12.40
N GLY B 58 6.41 5.24 -12.62
CA GLY B 58 6.06 6.00 -13.81
C GLY B 58 6.52 7.45 -13.84
N ARG B 59 7.00 7.99 -12.72
CA ARG B 59 7.44 9.38 -12.72
C ARG B 59 8.94 9.49 -13.00
N THR B 60 9.37 10.69 -13.33
CA THR B 60 10.75 10.95 -13.74
C THR B 60 11.54 11.59 -12.61
N LEU B 61 12.87 11.52 -12.74
CA LEU B 61 13.75 12.19 -11.79
C LEU B 61 13.53 13.70 -11.84
N SER B 62 13.22 14.22 -13.02
CA SER B 62 12.89 15.64 -13.15
C SER B 62 11.62 15.97 -12.37
N ASP B 63 10.58 15.13 -12.49
CA ASP B 63 9.35 15.29 -11.71
C ASP B 63 9.65 15.46 -10.23
N TYR B 64 10.55 14.64 -9.71
CA TYR B 64 10.84 14.68 -8.29
C TYR B 64 11.88 15.72 -7.91
N ASN B 65 12.40 16.48 -8.89
CA ASN B 65 13.48 17.43 -8.63
C ASN B 65 14.75 16.74 -8.12
N ILE B 66 14.99 15.50 -8.56
CA ILE B 66 16.25 14.84 -8.26
C ILE B 66 17.26 15.29 -9.31
N GLN B 67 18.34 15.91 -8.85
CA GLN B 67 19.26 16.55 -9.76
C GLN B 67 20.62 15.90 -9.58
N LYS B 68 21.56 16.24 -10.46
CA LYS B 68 22.86 15.60 -10.46
C LYS B 68 23.44 15.53 -9.06
N GLU B 69 24.16 14.43 -8.79
CA GLU B 69 24.84 14.09 -7.54
C GLU B 69 23.91 13.77 -6.39
N SER B 70 22.60 13.68 -6.64
CA SER B 70 21.64 13.33 -5.60
C SER B 70 21.87 11.92 -5.08
N THR B 71 21.44 11.67 -3.85
CA THR B 71 21.56 10.36 -3.23
C THR B 71 20.16 9.78 -3.01
N LEU B 72 19.94 8.60 -3.54
CA LEU B 72 18.74 7.82 -3.30
C LEU B 72 19.07 6.71 -2.32
N HIS B 73 18.02 6.13 -1.73
CA HIS B 73 18.17 4.97 -0.88
C HIS B 73 17.40 3.82 -1.49
N LEU B 74 18.02 2.64 -1.50
CA LEU B 74 17.41 1.42 -2.01
C LEU B 74 17.18 0.45 -0.85
N VAL B 75 15.97 -0.08 -0.77
CA VAL B 75 15.66 -1.20 0.11
C VAL B 75 14.79 -2.16 -0.68
N LEU B 76 14.80 -3.43 -0.25
CA LEU B 76 13.99 -4.43 -0.92
C LEU B 76 12.66 -4.59 -0.19
N ARG B 77 11.63 -5.01 -0.94
CA ARG B 77 10.35 -5.34 -0.33
C ARG B 77 10.50 -6.56 0.59
N LEU B 78 9.82 -6.52 1.74
CA LEU B 78 9.89 -7.61 2.71
C LEU B 78 9.00 -8.77 2.31
N ARG B 79 9.33 -9.95 2.86
CA ARG B 79 8.64 -11.20 2.49
C ARG B 79 8.12 -11.88 3.73
N GLY B 80 6.94 -11.46 4.19
CA GLY B 80 6.31 -12.04 5.37
C GLY B 80 5.07 -12.83 4.96
N GLY B 81 4.99 -14.05 5.49
CA GLY B 81 3.88 -14.93 5.21
C GLY B 81 3.18 -15.37 6.47
ZN ZN C . 24.63 16.07 1.07
C1 EDO D . -6.41 5.59 -11.56
O1 EDO D . -6.79 5.25 -12.90
C2 EDO D . -5.20 4.73 -11.19
O2 EDO D . -5.48 4.03 -9.97
#